data_5TUZ
#
_entry.id   5TUZ
#
_cell.length_a   74.940
_cell.length_b   95.780
_cell.length_c   102.360
_cell.angle_alpha   90.000
_cell.angle_beta   90.000
_cell.angle_gamma   90.000
#
_symmetry.space_group_name_H-M   'P 21 21 21'
#
loop_
_entity.id
_entity.type
_entity.pdbx_description
1 polymer 'Histone-lysine N-methyltransferase EHMT1'
2 non-polymer S-ADENOSYLMETHIONINE
3 non-polymer 'ZINC ION'
4 non-polymer 6,7-dimethoxy-N-(1-methylpiperidin-4-yl)-2-(morpholin-4-yl)quinazolin-4-amine
5 non-polymer 1,2-ETHANEDIOL
6 water water
#
_entity_poly.entity_id   1
_entity_poly.type   'polypeptide(L)'
_entity_poly.pdbx_seq_one_letter_code
;VERIVSRDIARGYERIPIPCVNAVDSEPCPSNYKYVSQNCVTSPMNIDRNITHLQYCVCIDDCSSSNCMCGQLSMRCWYD
KDGRLLPEFNMAEPPLIFECNHACSCWRNCRNRVVQNGLRARLQLYRTRDMGWGVRSLQDIPPGTFVCEYVGELISDSEA
DVREEDSYLFDLDNKDGEVYCIDARFYGNVSRFINHHCEPNLVPVRVFMAHQDLRFPRIAFFSTRLIEAGEQLGFDYGER
FWDIKGKLFSCRCGSPKCRHS
;
_entity_poly.pdbx_strand_id   A,B
#
# COMPACT_ATOMS: atom_id res chain seq x y z
N VAL A 1 27.93 28.02 -6.02
CA VAL A 1 27.37 27.65 -4.73
C VAL A 1 26.20 26.66 -4.91
N GLU A 2 26.00 25.81 -3.90
CA GLU A 2 24.98 24.76 -3.98
C GLU A 2 23.60 25.23 -3.53
N ARG A 3 22.69 25.40 -4.48
CA ARG A 3 21.32 25.80 -4.19
C ARG A 3 20.47 24.59 -3.86
N ILE A 4 19.75 24.65 -2.73
CA ILE A 4 18.71 23.66 -2.46
C ILE A 4 17.43 24.09 -3.16
N VAL A 5 16.99 23.32 -4.14
CA VAL A 5 15.80 23.71 -4.91
C VAL A 5 14.56 22.91 -4.51
N SER A 6 14.74 21.90 -3.67
CA SER A 6 13.62 21.20 -3.04
C SER A 6 14.14 20.44 -1.82
N ARG A 7 13.43 20.51 -0.69
CA ARG A 7 13.83 19.69 0.45
C ARG A 7 13.35 18.23 0.32
N ASP A 8 12.41 17.98 -0.57
CA ASP A 8 11.88 16.62 -0.78
C ASP A 8 11.05 16.53 -2.08
N ILE A 9 11.64 15.98 -3.13
CA ILE A 9 10.92 15.83 -4.40
C ILE A 9 9.74 14.85 -4.29
N ALA A 10 9.73 14.06 -3.23
CA ALA A 10 8.68 13.05 -3.04
C ALA A 10 7.49 13.56 -2.22
N ARG A 11 7.58 14.81 -1.77
CA ARG A 11 6.50 15.46 -1.01
C ARG A 11 6.01 14.60 0.16
N GLY A 12 6.95 13.91 0.81
CA GLY A 12 6.65 13.16 2.01
C GLY A 12 6.14 11.74 1.77
N TYR A 13 6.17 11.28 0.54
CA TYR A 13 5.66 9.93 0.25
C TYR A 13 6.68 8.82 0.53
N GLU A 14 7.95 9.17 0.68
CA GLU A 14 8.94 8.15 1.02
C GLU A 14 9.21 8.19 2.52
N ARG A 15 9.93 7.19 3.05
CA ARG A 15 10.22 7.14 4.47
C ARG A 15 11.20 8.26 4.85
N ILE A 16 11.96 8.72 3.87
CA ILE A 16 12.94 9.77 4.07
C ILE A 16 12.73 10.82 2.98
N PRO A 17 13.10 12.07 3.26
CA PRO A 17 13.03 13.06 2.17
C PRO A 17 14.08 12.77 1.10
N ILE A 18 13.82 13.20 -0.12
CA ILE A 18 14.82 13.12 -1.17
C ILE A 18 15.01 14.53 -1.70
N PRO A 19 15.97 15.27 -1.11
CA PRO A 19 16.10 16.68 -1.53
C PRO A 19 16.72 16.79 -2.92
N CYS A 20 16.59 17.98 -3.50
CA CYS A 20 17.19 18.26 -4.79
C CYS A 20 18.10 19.48 -4.65
N VAL A 21 19.32 19.36 -5.15
CA VAL A 21 20.27 20.48 -5.11
C VAL A 21 20.86 20.73 -6.48
N ASN A 22 21.33 21.96 -6.69
CA ASN A 22 21.93 22.34 -7.96
C ASN A 22 23.10 23.27 -7.70
N ALA A 23 24.31 22.76 -7.92
CA ALA A 23 25.53 23.53 -7.75
C ALA A 23 26.20 23.81 -9.08
N VAL A 24 25.46 23.62 -10.16
CA VAL A 24 26.03 23.69 -11.50
C VAL A 24 25.47 24.83 -12.35
N ASP A 25 24.14 24.96 -12.35
CA ASP A 25 23.50 25.99 -13.16
C ASP A 25 22.19 26.48 -12.52
N SER A 26 21.40 27.21 -13.30
CA SER A 26 20.20 27.85 -12.78
C SER A 26 18.92 27.04 -13.01
N GLU A 27 19.07 25.79 -13.47
CA GLU A 27 17.92 24.93 -13.68
C GLU A 27 17.15 24.70 -12.39
N PRO A 28 15.83 24.92 -12.42
CA PRO A 28 14.99 24.68 -11.25
C PRO A 28 14.76 23.20 -11.05
N CYS A 29 14.18 22.84 -9.90
CA CYS A 29 13.79 21.46 -9.62
C CYS A 29 12.92 20.93 -10.77
N PRO A 30 13.23 19.74 -11.30
CA PRO A 30 12.46 19.12 -12.39
C PRO A 30 10.96 19.08 -12.09
N SER A 31 10.13 19.50 -13.04
CA SER A 31 8.69 19.50 -12.79
C SER A 31 7.84 19.04 -13.97
N ASN A 32 8.47 18.46 -14.98
CA ASN A 32 7.76 18.05 -16.19
C ASN A 32 7.30 16.59 -16.10
N TYR A 33 7.14 16.11 -14.87
CA TYR A 33 6.69 14.76 -14.60
C TYR A 33 5.94 14.79 -13.27
N LYS A 34 5.27 13.69 -12.94
CA LYS A 34 4.60 13.58 -11.66
C LYS A 34 5.32 12.53 -10.82
N TYR A 35 5.78 12.91 -9.63
CA TYR A 35 6.43 11.92 -8.74
C TYR A 35 5.39 10.99 -8.14
N VAL A 36 5.58 9.69 -8.31
CA VAL A 36 4.77 8.68 -7.62
C VAL A 36 5.72 7.67 -6.97
N SER A 37 5.41 7.26 -5.74
CA SER A 37 6.26 6.33 -5.02
C SER A 37 5.97 4.86 -5.35
N GLN A 38 4.84 4.59 -6.01
CA GLN A 38 4.48 3.23 -6.40
C GLN A 38 4.02 3.21 -7.86
N ASN A 39 4.15 2.06 -8.52
CA ASN A 39 3.74 1.92 -9.92
C ASN A 39 2.27 2.29 -10.16
N CYS A 40 1.99 2.82 -11.34
CA CYS A 40 0.63 3.19 -11.69
C CYS A 40 0.34 2.70 -13.09
N VAL A 41 -0.90 2.80 -13.52
CA VAL A 41 -1.26 2.53 -14.90
C VAL A 41 -2.10 3.66 -15.46
N THR A 42 -2.12 3.78 -16.78
CA THR A 42 -3.16 4.57 -17.42
C THR A 42 -4.14 3.51 -17.95
N SER A 43 -3.91 3.02 -19.16
CA SER A 43 -4.68 1.91 -19.71
C SER A 43 -4.62 0.70 -18.77
N PRO A 44 -5.71 -0.08 -18.71
CA PRO A 44 -5.76 -1.18 -17.75
C PRO A 44 -4.72 -2.29 -18.02
N MET A 45 -4.06 -2.71 -16.95
CA MET A 45 -3.23 -3.90 -16.95
C MET A 45 -3.97 -4.91 -16.11
N ASN A 46 -4.33 -6.03 -16.72
CA ASN A 46 -5.10 -7.04 -16.01
C ASN A 46 -4.18 -7.89 -15.12
N ILE A 47 -3.48 -7.23 -14.21
CA ILE A 47 -2.60 -7.94 -13.28
C ILE A 47 -3.41 -8.96 -12.49
N ASP A 48 -2.90 -10.17 -12.38
CA ASP A 48 -3.62 -11.19 -11.63
C ASP A 48 -3.53 -10.90 -10.12
N ARG A 49 -4.63 -10.46 -9.52
CA ARG A 49 -4.62 -10.17 -8.10
C ARG A 49 -5.48 -11.13 -7.28
N ASN A 50 -5.90 -12.25 -7.90
CA ASN A 50 -6.62 -13.29 -7.16
C ASN A 50 -5.79 -13.82 -6.00
N ILE A 51 -6.25 -13.54 -4.77
CA ILE A 51 -5.49 -13.92 -3.58
C ILE A 51 -5.25 -15.43 -3.49
N THR A 52 -6.16 -16.23 -4.04
CA THR A 52 -5.97 -17.68 -4.03
C THR A 52 -4.92 -18.15 -5.04
N HIS A 53 -4.40 -17.24 -5.87
CA HIS A 53 -3.36 -17.61 -6.82
C HIS A 53 -1.96 -17.39 -6.27
N LEU A 54 -1.85 -16.80 -5.09
CA LEU A 54 -0.54 -16.60 -4.47
C LEU A 54 0.00 -17.91 -3.94
N GLN A 55 1.26 -18.19 -4.22
CA GLN A 55 1.98 -19.20 -3.47
C GLN A 55 2.46 -18.53 -2.18
N TYR A 56 2.45 -19.26 -1.08
CA TYR A 56 2.74 -18.68 0.24
C TYR A 56 3.46 -19.70 1.10
N CYS A 57 3.93 -19.27 2.27
CA CYS A 57 4.61 -20.20 3.17
C CYS A 57 3.77 -20.44 4.43
N VAL A 58 4.10 -21.52 5.14
CA VAL A 58 3.37 -21.86 6.36
C VAL A 58 4.30 -21.80 7.58
N CYS A 59 5.38 -21.02 7.46
CA CYS A 59 6.41 -20.98 8.49
C CYS A 59 5.89 -20.63 9.88
N ILE A 60 6.48 -21.27 10.89
CA ILE A 60 6.11 -21.00 12.28
C ILE A 60 7.17 -20.17 12.98
N ASP A 61 8.18 -19.75 12.22
CA ASP A 61 9.27 -18.95 12.78
C ASP A 61 9.31 -17.60 12.05
N ASP A 62 10.50 -17.03 11.89
CA ASP A 62 10.65 -15.74 11.23
C ASP A 62 11.09 -15.86 9.76
N CYS A 63 10.80 -17.02 9.16
CA CYS A 63 11.18 -17.36 7.78
C CYS A 63 12.68 -17.33 7.52
N SER A 64 13.47 -17.74 8.51
CA SER A 64 14.92 -17.79 8.33
C SER A 64 15.41 -19.24 8.20
N SER A 65 14.49 -20.20 8.22
CA SER A 65 14.88 -21.60 8.08
C SER A 65 14.91 -22.04 6.63
N SER A 66 15.55 -23.19 6.41
CA SER A 66 15.65 -23.85 5.12
C SER A 66 14.29 -24.15 4.50
N ASN A 67 13.28 -24.28 5.35
CA ASN A 67 11.98 -24.79 4.89
C ASN A 67 10.98 -23.75 4.37
N CYS A 68 11.33 -22.46 4.38
CA CYS A 68 10.39 -21.44 3.89
C CYS A 68 10.07 -21.64 2.41
N MET A 69 8.79 -21.90 2.12
CA MET A 69 8.36 -22.11 0.73
C MET A 69 8.61 -20.87 -0.15
N CYS A 70 8.54 -19.68 0.43
CA CYS A 70 8.82 -18.47 -0.35
C CYS A 70 10.29 -18.36 -0.69
N GLY A 71 11.14 -18.70 0.27
CA GLY A 71 12.56 -18.84 0.01
C GLY A 71 12.85 -19.82 -1.11
N GLN A 72 12.18 -20.97 -1.07
CA GLN A 72 12.36 -22.02 -2.07
C GLN A 72 12.09 -21.53 -3.49
N LEU A 73 11.00 -20.77 -3.64
CA LEU A 73 10.65 -20.13 -4.91
C LEU A 73 11.77 -19.22 -5.41
N SER A 74 12.48 -18.62 -4.47
CA SER A 74 13.56 -17.68 -4.76
C SER A 74 14.90 -18.40 -4.92
N MET A 75 14.83 -19.73 -4.94
CA MET A 75 15.96 -20.67 -4.80
C MET A 75 16.32 -20.86 -3.31
N ARG A 76 16.62 -19.76 -2.64
CA ARG A 76 16.70 -19.72 -1.19
C ARG A 76 16.38 -18.28 -0.86
N CYS A 77 16.02 -18.00 0.39
CA CYS A 77 15.89 -16.60 0.80
C CYS A 77 17.25 -15.96 0.76
N TRP A 78 17.41 -14.84 0.05
CA TRP A 78 18.75 -14.28 -0.12
C TRP A 78 19.06 -13.17 0.87
N TYR A 79 18.15 -12.94 1.81
CA TYR A 79 18.29 -11.83 2.75
C TYR A 79 18.90 -12.26 4.09
N ASP A 80 19.90 -11.52 4.58
CA ASP A 80 20.44 -11.80 5.91
C ASP A 80 19.60 -11.06 6.97
N LYS A 81 20.05 -11.07 8.21
CA LYS A 81 19.23 -10.47 9.28
C LYS A 81 19.06 -8.96 9.12
N ASP A 82 19.96 -8.33 8.36
CA ASP A 82 19.93 -6.88 8.14
C ASP A 82 19.18 -6.48 6.87
N GLY A 83 18.62 -7.46 6.17
CA GLY A 83 17.92 -7.22 4.93
C GLY A 83 18.83 -7.10 3.72
N ARG A 84 20.10 -7.49 3.85
CA ARG A 84 21.03 -7.42 2.73
C ARG A 84 21.17 -8.74 2.00
N LEU A 85 21.50 -8.68 0.71
CA LEU A 85 21.70 -9.89 -0.08
C LEU A 85 22.92 -10.64 0.43
N LEU A 86 22.81 -11.96 0.53
CA LEU A 86 23.94 -12.81 0.90
C LEU A 86 25.13 -12.63 -0.05
N PRO A 87 26.35 -12.86 0.43
CA PRO A 87 27.53 -12.78 -0.42
C PRO A 87 27.45 -13.74 -1.62
N GLU A 88 26.69 -14.82 -1.49
CA GLU A 88 26.55 -15.81 -2.56
C GLU A 88 25.64 -15.34 -3.69
N PHE A 89 24.89 -14.27 -3.44
CA PHE A 89 23.96 -13.77 -4.44
C PHE A 89 24.70 -13.45 -5.74
N ASN A 90 24.16 -13.94 -6.85
CA ASN A 90 24.80 -13.82 -8.15
C ASN A 90 24.40 -12.51 -8.84
N MET A 91 25.27 -11.50 -8.75
CA MET A 91 24.96 -10.16 -9.26
C MET A 91 24.90 -10.13 -10.78
N ALA A 92 25.57 -11.10 -11.41
CA ALA A 92 25.66 -11.14 -12.88
C ALA A 92 24.44 -11.83 -13.48
N GLU A 93 23.72 -12.59 -12.64
CA GLU A 93 22.59 -13.39 -13.09
C GLU A 93 21.62 -13.64 -11.92
N PRO A 94 20.95 -12.55 -11.46
CA PRO A 94 20.09 -12.61 -10.27
C PRO A 94 18.87 -13.50 -10.46
N PRO A 95 18.50 -14.26 -9.43
CA PRO A 95 17.25 -15.03 -9.47
C PRO A 95 16.04 -14.11 -9.26
N LEU A 96 14.86 -14.59 -9.60
CA LEU A 96 13.62 -13.94 -9.19
C LEU A 96 13.47 -14.05 -7.67
N ILE A 97 13.15 -12.95 -7.00
CA ILE A 97 12.92 -13.00 -5.57
C ILE A 97 11.42 -12.95 -5.26
N PHE A 98 10.94 -13.93 -4.52
CA PHE A 98 9.57 -13.94 -4.03
C PHE A 98 9.59 -13.61 -2.54
N GLU A 99 9.18 -12.40 -2.17
CA GLU A 99 9.09 -12.03 -0.77
C GLU A 99 7.80 -12.60 -0.18
N CYS A 100 7.72 -12.69 1.15
CA CYS A 100 6.50 -13.16 1.78
C CYS A 100 5.38 -12.14 1.52
N ASN A 101 4.15 -12.59 1.63
CA ASN A 101 3.00 -11.77 1.31
C ASN A 101 1.91 -12.00 2.34
N HIS A 102 0.76 -11.37 2.11
CA HIS A 102 -0.35 -11.37 3.05
C HIS A 102 -1.07 -12.71 3.13
N ALA A 103 -0.76 -13.65 2.24
CA ALA A 103 -1.33 -14.99 2.33
C ALA A 103 -0.46 -15.93 3.16
N CYS A 104 0.79 -15.56 3.38
CA CYS A 104 1.71 -16.36 4.21
C CYS A 104 1.26 -16.40 5.66
N SER A 105 1.66 -17.46 6.38
CA SER A 105 1.29 -17.65 7.77
C SER A 105 2.19 -16.87 8.72
N CYS A 106 3.32 -16.40 8.20
CA CYS A 106 4.31 -15.71 9.02
C CYS A 106 3.84 -14.29 9.39
N TRP A 107 4.63 -13.62 10.21
CA TRP A 107 4.33 -12.26 10.64
C TRP A 107 4.91 -11.22 9.69
N ARG A 108 4.39 -10.00 9.79
CA ARG A 108 4.79 -8.92 8.90
C ARG A 108 6.26 -8.55 9.05
N ASN A 109 6.87 -8.92 10.17
CA ASN A 109 8.29 -8.60 10.41
C ASN A 109 9.24 -9.76 10.12
N CYS A 110 8.80 -10.74 9.32
CA CYS A 110 9.65 -11.90 9.02
C CYS A 110 10.86 -11.47 8.18
N ARG A 111 11.81 -12.38 8.05
CA ARG A 111 13.08 -12.07 7.38
C ARG A 111 12.92 -11.81 5.89
N ASN A 112 11.90 -12.40 5.28
CA ASN A 112 11.81 -12.46 3.82
C ASN A 112 10.96 -11.31 3.28
N ARG A 113 11.25 -10.14 3.80
CA ARG A 113 10.53 -8.92 3.47
C ARG A 113 11.55 -7.80 3.52
N VAL A 114 11.84 -7.20 2.37
CA VAL A 114 12.82 -6.10 2.31
C VAL A 114 12.32 -5.03 1.37
N VAL A 115 12.10 -5.38 0.11
CA VAL A 115 11.66 -4.39 -0.87
C VAL A 115 10.27 -3.84 -0.51
N GLN A 116 9.41 -4.68 0.06
CA GLN A 116 8.06 -4.24 0.39
C GLN A 116 8.05 -3.25 1.54
N ASN A 117 9.18 -3.11 2.23
CA ASN A 117 9.30 -2.13 3.31
C ASN A 117 9.72 -0.74 2.84
N GLY A 118 10.00 -0.61 1.55
CA GLY A 118 10.19 0.71 0.97
C GLY A 118 11.59 1.28 1.07
N LEU A 119 11.74 2.46 0.47
CA LEU A 119 13.04 3.12 0.35
C LEU A 119 13.53 3.55 1.73
N ARG A 120 14.78 3.27 2.05
CA ARG A 120 15.33 3.62 3.34
C ARG A 120 16.62 4.44 3.24
N ALA A 121 17.36 4.28 2.14
CA ALA A 121 18.63 4.95 1.95
C ALA A 121 18.45 6.45 1.82
N ARG A 122 19.37 7.22 2.37
CA ARG A 122 19.32 8.66 2.23
C ARG A 122 19.89 9.08 0.87
N LEU A 123 19.00 9.48 -0.04
CA LEU A 123 19.37 9.79 -1.41
C LEU A 123 19.18 11.27 -1.73
N GLN A 124 19.77 11.71 -2.82
CA GLN A 124 19.68 13.11 -3.20
C GLN A 124 19.72 13.29 -4.70
N LEU A 125 18.76 14.05 -5.22
CA LEU A 125 18.75 14.45 -6.61
C LEU A 125 19.69 15.63 -6.75
N TYR A 126 20.62 15.58 -7.69
CA TYR A 126 21.57 16.68 -7.85
C TYR A 126 21.89 16.95 -9.32
N ARG A 127 22.33 18.17 -9.62
CA ARG A 127 22.70 18.53 -10.98
C ARG A 127 24.13 18.10 -11.25
N THR A 128 24.31 17.19 -12.21
CA THR A 128 25.64 16.76 -12.66
C THR A 128 26.22 17.80 -13.60
N ARG A 129 27.49 17.64 -13.96
CA ARG A 129 28.15 18.58 -14.82
C ARG A 129 27.78 18.34 -16.28
N ASP A 130 27.59 17.07 -16.65
CA ASP A 130 27.59 16.66 -18.05
C ASP A 130 26.49 15.70 -18.48
N MET A 131 25.68 15.22 -17.55
CA MET A 131 24.54 14.39 -17.97
C MET A 131 23.27 14.72 -17.20
N GLY A 132 22.97 16.02 -17.12
CA GLY A 132 21.72 16.52 -16.55
C GLY A 132 21.57 16.23 -15.06
N TRP A 133 20.41 15.75 -14.65
CA TRP A 133 20.21 15.38 -13.26
C TRP A 133 20.72 13.97 -13.03
N GLY A 134 21.15 13.70 -11.80
CA GLY A 134 21.57 12.37 -11.39
C GLY A 134 21.18 12.19 -9.93
N VAL A 135 21.39 10.99 -9.42
CA VAL A 135 21.09 10.69 -8.02
C VAL A 135 22.34 10.20 -7.31
N ARG A 136 22.58 10.75 -6.12
CA ARG A 136 23.70 10.31 -5.29
C ARG A 136 23.23 9.82 -3.94
N SER A 137 24.06 9.03 -3.28
CA SER A 137 23.77 8.62 -1.92
C SER A 137 24.39 9.64 -0.99
N LEU A 138 23.66 9.99 0.07
CA LEU A 138 24.21 10.89 1.08
C LEU A 138 24.95 10.13 2.18
N GLN A 139 24.87 8.80 2.12
CA GLN A 139 25.40 7.90 3.14
C GLN A 139 26.19 6.74 2.53
N ASP A 140 27.00 6.08 3.36
CA ASP A 140 27.59 4.80 2.99
C ASP A 140 26.51 3.73 2.83
N ILE A 141 26.56 2.99 1.73
CA ILE A 141 25.62 1.89 1.51
C ILE A 141 26.41 0.59 1.34
N PRO A 142 26.27 -0.35 2.29
CA PRO A 142 26.99 -1.62 2.21
C PRO A 142 26.53 -2.43 1.00
N PRO A 143 27.36 -3.37 0.53
CA PRO A 143 26.99 -4.25 -0.60
C PRO A 143 25.68 -5.00 -0.32
N GLY A 144 24.88 -5.22 -1.36
CA GLY A 144 23.69 -6.03 -1.24
C GLY A 144 22.52 -5.34 -0.57
N THR A 145 22.60 -4.02 -0.41
CA THR A 145 21.52 -3.26 0.21
C THR A 145 20.45 -2.85 -0.82
N PHE A 146 19.17 -3.00 -0.47
CA PHE A 146 18.11 -2.44 -1.31
C PHE A 146 18.17 -0.92 -1.32
N VAL A 147 18.30 -0.32 -2.50
CA VAL A 147 18.45 1.13 -2.59
C VAL A 147 17.15 1.82 -3.01
N CYS A 148 16.58 1.41 -4.14
CA CYS A 148 15.30 1.94 -4.59
C CYS A 148 14.70 1.06 -5.69
N GLU A 149 13.41 1.24 -5.91
CA GLU A 149 12.67 0.51 -6.94
C GLU A 149 12.56 1.37 -8.20
N TYR A 150 12.61 0.77 -9.38
CA TYR A 150 12.32 1.50 -10.61
C TYR A 150 10.81 1.58 -10.73
N VAL A 151 10.26 2.75 -10.43
CA VAL A 151 8.81 2.94 -10.39
C VAL A 151 8.34 3.82 -11.54
N GLY A 152 7.21 3.45 -12.14
CA GLY A 152 6.65 4.27 -13.19
C GLY A 152 5.29 3.78 -13.62
N GLU A 153 4.96 4.06 -14.86
CA GLU A 153 3.70 3.69 -15.48
C GLU A 153 3.86 2.34 -16.17
N LEU A 154 3.04 1.36 -15.80
CA LEU A 154 3.11 0.04 -16.44
C LEU A 154 2.42 0.09 -17.78
N ILE A 155 3.14 -0.19 -18.85
CA ILE A 155 2.57 -0.17 -20.21
C ILE A 155 2.94 -1.43 -20.99
N SER A 156 2.16 -1.72 -22.03
CA SER A 156 2.45 -2.83 -22.93
C SER A 156 3.57 -2.47 -23.89
N ASP A 157 4.21 -3.49 -24.49
CA ASP A 157 5.23 -3.25 -25.50
C ASP A 157 4.70 -2.49 -26.72
N SER A 158 3.47 -2.79 -27.13
CA SER A 158 2.86 -2.12 -28.28
C SER A 158 2.63 -0.63 -27.98
N GLU A 159 2.37 -0.31 -26.71
CA GLU A 159 2.23 1.09 -26.31
C GLU A 159 3.58 1.80 -26.28
N ALA A 160 4.60 1.11 -25.77
CA ALA A 160 5.97 1.64 -25.78
C ALA A 160 6.43 1.95 -27.21
N ASP A 161 5.99 1.12 -28.16
CA ASP A 161 6.37 1.26 -29.56
C ASP A 161 5.82 2.52 -30.22
N VAL A 162 4.84 3.17 -29.62
CA VAL A 162 4.31 4.41 -30.17
C VAL A 162 4.55 5.58 -29.24
N ARG A 163 5.41 5.41 -28.24
CA ARG A 163 5.84 6.52 -27.40
C ARG A 163 7.15 7.09 -27.89
N GLU A 164 7.09 8.33 -28.34
CA GLU A 164 8.25 9.02 -28.89
C GLU A 164 9.39 9.15 -27.85
N GLU A 165 9.04 9.43 -26.60
CA GLU A 165 10.07 9.63 -25.57
C GLU A 165 10.37 8.33 -24.82
N ASP A 166 11.45 7.68 -25.23
CA ASP A 166 11.76 6.34 -24.73
C ASP A 166 13.02 6.33 -23.87
N SER A 167 13.40 7.48 -23.33
CA SER A 167 14.65 7.59 -22.54
C SER A 167 14.47 7.20 -21.06
N TYR A 168 13.23 6.93 -20.68
CA TYR A 168 12.88 6.59 -19.30
C TYR A 168 12.08 5.29 -19.29
N LEU A 169 12.55 4.30 -20.06
CA LEU A 169 11.84 3.03 -20.18
C LEU A 169 12.68 1.91 -19.61
N PHE A 170 12.03 1.03 -18.85
CA PHE A 170 12.66 -0.20 -18.38
C PHE A 170 11.86 -1.41 -18.92
N ASP A 171 12.53 -2.32 -19.62
CA ASP A 171 11.86 -3.50 -20.18
C ASP A 171 11.64 -4.60 -19.14
N LEU A 172 10.39 -5.08 -19.05
CA LEU A 172 10.10 -6.30 -18.29
C LEU A 172 9.95 -7.47 -19.29
N ASP A 173 10.96 -8.32 -19.41
CA ASP A 173 10.96 -9.34 -20.47
C ASP A 173 10.16 -10.60 -20.14
N ASN A 174 9.61 -11.25 -21.18
CA ASN A 174 8.89 -12.52 -21.02
C ASN A 174 9.02 -13.40 -22.26
N GLY A 177 5.45 -14.69 -24.23
CA GLY A 177 5.64 -13.79 -25.34
C GLY A 177 4.94 -12.46 -25.13
N GLU A 178 4.54 -12.23 -23.89
CA GLU A 178 3.79 -11.03 -23.53
C GLU A 178 4.68 -10.07 -22.74
N VAL A 179 5.07 -8.98 -23.40
CA VAL A 179 6.10 -8.11 -22.85
C VAL A 179 5.54 -6.75 -22.40
N TYR A 180 5.99 -6.32 -21.22
CA TYR A 180 5.57 -5.04 -20.66
C TYR A 180 6.76 -4.18 -20.29
N CYS A 181 6.49 -2.89 -20.14
CA CYS A 181 7.53 -1.93 -19.77
C CYS A 181 7.08 -1.09 -18.59
N ILE A 182 8.05 -0.55 -17.87
CA ILE A 182 7.79 0.56 -16.98
C ILE A 182 8.26 1.83 -17.67
N ASP A 183 7.35 2.78 -17.88
CA ASP A 183 7.72 4.07 -18.49
C ASP A 183 7.67 5.13 -17.39
N ALA A 184 8.83 5.71 -17.08
CA ALA A 184 8.93 6.65 -15.96
C ALA A 184 8.98 8.09 -16.47
N ARG A 185 8.62 8.28 -17.73
CA ARG A 185 8.67 9.62 -18.30
C ARG A 185 7.65 10.56 -17.68
N PHE A 186 6.41 10.12 -17.57
CA PHE A 186 5.34 11.01 -17.12
C PHE A 186 5.03 10.81 -15.65
N TYR A 187 5.16 9.56 -15.20
CA TYR A 187 5.00 9.18 -13.79
C TYR A 187 6.18 8.34 -13.40
N GLY A 188 6.86 8.71 -12.32
CA GLY A 188 8.01 7.96 -11.87
C GLY A 188 8.49 8.41 -10.51
N ASN A 189 9.36 7.62 -9.90
CA ASN A 189 9.98 8.01 -8.63
C ASN A 189 11.44 8.43 -8.87
N VAL A 190 12.24 8.42 -7.81
CA VAL A 190 13.62 8.90 -7.87
C VAL A 190 14.46 8.12 -8.90
N SER A 191 14.11 6.87 -9.19
CA SER A 191 14.94 6.04 -10.09
C SER A 191 15.02 6.56 -11.52
N ARG A 192 14.02 7.32 -11.93
CA ARG A 192 14.00 7.91 -13.27
C ARG A 192 15.18 8.86 -13.49
N PHE A 193 15.81 9.30 -12.41
CA PHE A 193 16.94 10.22 -12.56
C PHE A 193 18.31 9.55 -12.47
N ILE A 194 18.33 8.23 -12.28
CA ILE A 194 19.61 7.54 -12.18
C ILE A 194 20.25 7.35 -13.55
N ASN A 195 21.51 7.79 -13.68
CA ASN A 195 22.21 7.75 -14.96
C ASN A 195 22.85 6.39 -15.24
N HIS A 196 23.16 6.13 -16.50
CA HIS A 196 23.77 4.86 -16.89
C HIS A 196 25.23 4.80 -16.50
N HIS A 197 25.69 3.64 -16.01
CA HIS A 197 27.12 3.42 -15.78
C HIS A 197 27.50 2.02 -16.28
N CYS A 198 28.65 1.91 -16.94
CA CYS A 198 29.08 0.64 -17.52
C CYS A 198 29.65 -0.33 -16.48
N GLU A 199 30.04 0.21 -15.33
CA GLU A 199 30.47 -0.62 -14.19
C GLU A 199 29.63 -0.25 -12.97
N PRO A 200 28.35 -0.61 -13.01
CA PRO A 200 27.33 0.02 -12.15
C PRO A 200 27.40 -0.38 -10.68
N ASN A 201 27.05 0.54 -9.78
CA ASN A 201 27.01 0.20 -8.37
C ASN A 201 25.62 -0.26 -7.96
N LEU A 202 24.69 -0.32 -8.92
CA LEU A 202 23.36 -0.91 -8.70
C LEU A 202 23.04 -2.00 -9.72
N VAL A 203 22.26 -2.98 -9.30
CA VAL A 203 21.81 -4.05 -10.19
C VAL A 203 20.32 -4.23 -10.00
N PRO A 204 19.57 -4.31 -11.11
CA PRO A 204 18.13 -4.49 -10.98
C PRO A 204 17.78 -5.97 -10.75
N VAL A 205 16.91 -6.20 -9.77
CA VAL A 205 16.46 -7.56 -9.45
C VAL A 205 14.94 -7.62 -9.58
N ARG A 206 14.45 -8.65 -10.24
CA ARG A 206 13.00 -8.87 -10.36
C ARG A 206 12.44 -9.42 -9.05
N VAL A 207 11.41 -8.75 -8.50
CA VAL A 207 10.88 -9.11 -7.19
C VAL A 207 9.34 -9.20 -7.19
N PHE A 208 8.79 -10.18 -6.46
CA PHE A 208 7.35 -10.32 -6.33
C PHE A 208 6.95 -10.17 -4.87
N MET A 209 5.87 -9.43 -4.63
CA MET A 209 5.43 -9.16 -3.28
C MET A 209 3.93 -9.45 -3.20
N ALA A 210 3.10 -8.43 -3.45
CA ALA A 210 1.66 -8.58 -3.19
C ALA A 210 0.96 -9.43 -4.25
N HIS A 211 1.56 -9.56 -5.43
CA HIS A 211 1.04 -10.44 -6.46
C HIS A 211 2.19 -11.24 -7.01
N GLN A 212 1.87 -12.31 -7.75
CA GLN A 212 2.92 -13.11 -8.37
C GLN A 212 2.62 -13.32 -9.84
N ASP A 213 2.13 -12.25 -10.46
CA ASP A 213 1.89 -12.24 -11.90
C ASP A 213 3.23 -12.03 -12.60
N LEU A 214 3.72 -13.07 -13.25
CA LEU A 214 5.10 -13.09 -13.73
C LEU A 214 5.35 -12.11 -14.89
N ARG A 215 4.28 -11.57 -15.46
CA ARG A 215 4.43 -10.55 -16.49
C ARG A 215 4.84 -9.22 -15.87
N PHE A 216 4.64 -9.07 -14.57
CA PHE A 216 4.85 -7.78 -13.92
C PHE A 216 5.75 -7.88 -12.69
N PRO A 217 7.01 -8.30 -12.88
CA PRO A 217 7.93 -8.22 -11.75
C PRO A 217 8.15 -6.76 -11.38
N ARG A 218 8.48 -6.51 -10.12
CA ARG A 218 8.89 -5.17 -9.75
C ARG A 218 10.41 -5.13 -9.76
N ILE A 219 10.95 -3.96 -10.09
CA ILE A 219 12.38 -3.81 -10.34
C ILE A 219 13.05 -3.14 -9.15
N ALA A 220 13.83 -3.91 -8.41
CA ALA A 220 14.47 -3.41 -7.19
C ALA A 220 15.97 -3.31 -7.42
N PHE A 221 16.52 -2.10 -7.25
CA PHE A 221 17.95 -1.92 -7.37
C PHE A 221 18.64 -2.24 -6.05
N PHE A 222 19.63 -3.13 -6.11
CA PHE A 222 20.48 -3.41 -4.97
C PHE A 222 21.90 -2.96 -5.27
N SER A 223 22.64 -2.55 -4.24
CA SER A 223 24.02 -2.14 -4.42
C SER A 223 24.89 -3.35 -4.70
N THR A 224 25.83 -3.20 -5.62
CA THR A 224 26.69 -4.29 -6.07
C THR A 224 28.01 -4.31 -5.30
N ARG A 225 28.19 -3.28 -4.49
CA ARG A 225 29.43 -3.07 -3.75
C ARG A 225 29.15 -2.01 -2.69
N LEU A 226 30.14 -1.73 -1.85
CA LEU A 226 30.06 -0.58 -0.97
C LEU A 226 29.93 0.70 -1.81
N ILE A 227 28.84 1.44 -1.60
CA ILE A 227 28.70 2.75 -2.21
C ILE A 227 29.03 3.80 -1.15
N GLU A 228 30.04 4.62 -1.42
CA GLU A 228 30.50 5.58 -0.44
C GLU A 228 29.63 6.83 -0.46
N ALA A 229 29.50 7.47 0.69
CA ALA A 229 28.72 8.70 0.79
C ALA A 229 29.18 9.71 -0.28
N GLY A 230 28.22 10.29 -0.99
CA GLY A 230 28.51 11.28 -2.01
C GLY A 230 28.52 10.72 -3.41
N GLU A 231 28.65 9.40 -3.52
CA GLU A 231 28.77 8.72 -4.81
C GLU A 231 27.48 8.75 -5.63
N GLN A 232 27.63 8.99 -6.94
CA GLN A 232 26.49 8.91 -7.86
C GLN A 232 26.04 7.47 -8.04
N LEU A 233 24.73 7.22 -7.97
CA LEU A 233 24.18 5.92 -8.32
C LEU A 233 24.21 5.68 -9.83
N GLY A 234 24.43 4.43 -10.23
CA GLY A 234 24.32 4.07 -11.63
C GLY A 234 23.84 2.64 -11.81
N PHE A 235 23.07 2.40 -12.87
CA PHE A 235 22.84 1.03 -13.30
C PHE A 235 23.09 0.91 -14.80
N ASP A 236 23.20 -0.32 -15.28
CA ASP A 236 23.47 -0.59 -16.68
C ASP A 236 22.14 -0.58 -17.42
N TYR A 237 21.93 0.42 -18.28
CA TYR A 237 20.66 0.55 -19.01
C TYR A 237 20.43 -0.61 -19.96
N GLY A 238 21.51 -1.26 -20.37
CA GLY A 238 21.42 -2.45 -21.20
C GLY A 238 21.57 -2.16 -22.69
N GLU A 239 21.64 -3.22 -23.48
CA GLU A 239 21.99 -3.12 -24.90
C GLU A 239 20.89 -2.52 -25.79
N ARG A 240 19.62 -2.70 -25.43
CA ARG A 240 18.55 -2.15 -26.26
C ARG A 240 18.62 -0.63 -26.24
N PHE A 241 18.78 -0.06 -25.04
CA PHE A 241 18.93 1.38 -24.86
C PHE A 241 20.02 1.93 -25.77
N TRP A 242 21.20 1.33 -25.69
CA TRP A 242 22.36 1.87 -26.38
C TRP A 242 22.35 1.55 -27.86
N ASP A 243 21.66 0.48 -28.24
CA ASP A 243 21.52 0.15 -29.66
C ASP A 243 20.71 1.27 -30.34
N ILE A 244 19.82 1.89 -29.57
CA ILE A 244 18.99 2.98 -30.07
C ILE A 244 19.65 4.36 -29.91
N LYS A 245 20.05 4.68 -28.68
CA LYS A 245 20.54 6.02 -28.37
C LYS A 245 22.01 6.23 -28.78
N GLY A 246 22.73 5.15 -29.03
CA GLY A 246 24.11 5.23 -29.46
C GLY A 246 24.26 5.98 -30.77
N LYS A 247 23.20 5.98 -31.57
CA LYS A 247 23.18 6.72 -32.82
C LYS A 247 23.17 8.22 -32.55
N LEU A 248 22.80 8.61 -31.34
CA LEU A 248 22.58 10.02 -31.02
C LEU A 248 23.68 10.60 -30.14
N PHE A 249 24.20 9.79 -29.22
CA PHE A 249 25.27 10.23 -28.34
C PHE A 249 26.00 9.02 -27.78
N SER A 250 27.21 9.23 -27.28
CA SER A 250 27.98 8.15 -26.69
C SER A 250 27.95 8.23 -25.15
N CYS A 251 28.31 7.12 -24.50
CA CYS A 251 28.28 7.05 -23.06
C CYS A 251 29.29 8.02 -22.45
N ARG A 252 28.85 8.75 -21.43
CA ARG A 252 29.76 9.63 -20.70
C ARG A 252 30.02 9.13 -19.28
N CYS A 253 29.81 7.84 -19.03
CA CYS A 253 29.97 7.33 -17.66
C CYS A 253 31.42 7.47 -17.22
N GLY A 254 32.33 7.49 -18.18
CA GLY A 254 33.73 7.74 -17.89
C GLY A 254 34.50 6.57 -17.30
N SER A 255 33.88 5.39 -17.28
CA SER A 255 34.59 4.19 -16.83
C SER A 255 35.76 3.88 -17.75
N PRO A 256 36.91 3.45 -17.17
CA PRO A 256 38.01 3.01 -18.03
C PRO A 256 37.65 1.78 -18.84
N LYS A 257 36.55 1.11 -18.47
CA LYS A 257 36.08 -0.07 -19.17
C LYS A 257 34.74 0.20 -19.85
N CYS A 258 34.46 1.46 -20.11
CA CYS A 258 33.19 1.86 -20.74
C CYS A 258 32.94 1.06 -22.03
N ARG A 259 31.71 0.60 -22.22
CA ARG A 259 31.39 -0.27 -23.34
C ARG A 259 30.55 0.45 -24.41
N HIS A 260 30.26 1.73 -24.19
CA HIS A 260 29.38 2.47 -25.08
C HIS A 260 29.91 3.86 -25.38
N SER A 261 31.22 4.02 -25.29
CA SER A 261 31.86 5.30 -25.56
C SER A 261 32.17 5.43 -27.04
N VAL B 1 -11.42 -15.74 35.07
CA VAL B 1 -10.07 -15.32 34.73
C VAL B 1 -9.94 -15.11 33.21
N GLU B 2 -9.15 -14.12 32.82
CA GLU B 2 -9.07 -13.70 31.43
C GLU B 2 -7.85 -14.25 30.69
N ARG B 3 -8.07 -15.32 29.92
CA ARG B 3 -6.99 -15.94 29.16
C ARG B 3 -6.64 -15.15 27.89
N ILE B 4 -5.36 -14.87 27.70
CA ILE B 4 -4.88 -14.33 26.42
C ILE B 4 -4.70 -15.49 25.44
N VAL B 5 -5.44 -15.50 24.34
CA VAL B 5 -5.35 -16.62 23.42
C VAL B 5 -4.71 -16.24 22.09
N SER B 6 -4.42 -14.95 21.92
CA SER B 6 -3.55 -14.46 20.85
C SER B 6 -3.00 -13.10 21.23
N ARG B 7 -1.70 -12.90 21.04
CA ARG B 7 -1.14 -11.58 21.35
C ARG B 7 -1.42 -10.59 20.21
N ASP B 8 -1.81 -11.09 19.03
CA ASP B 8 -2.11 -10.20 17.91
C ASP B 8 -2.73 -10.98 16.75
N ILE B 9 -4.03 -10.80 16.53
CA ILE B 9 -4.68 -11.58 15.49
C ILE B 9 -4.25 -11.09 14.11
N ALA B 10 -3.66 -9.91 14.04
CA ALA B 10 -3.23 -9.34 12.77
C ALA B 10 -1.81 -9.74 12.38
N ARG B 11 -1.12 -10.43 13.28
CA ARG B 11 0.26 -10.88 13.04
C ARG B 11 1.18 -9.75 12.51
N GLY B 12 1.07 -8.57 13.11
CA GLY B 12 2.01 -7.50 12.81
C GLY B 12 1.60 -6.60 11.65
N TYR B 13 0.47 -6.89 11.01
CA TYR B 13 0.05 -6.08 9.85
C TYR B 13 -0.64 -4.76 10.20
N GLU B 14 -1.06 -4.57 11.45
CA GLU B 14 -1.55 -3.26 11.86
C GLU B 14 -0.46 -2.52 12.62
N ARG B 15 -0.68 -1.23 12.80
CA ARG B 15 0.26 -0.34 13.49
C ARG B 15 0.56 -0.83 14.91
N ILE B 16 -0.46 -1.41 15.55
CA ILE B 16 -0.36 -1.94 16.90
C ILE B 16 -0.97 -3.34 16.91
N PRO B 17 -0.68 -4.16 17.95
CA PRO B 17 -1.30 -5.48 18.00
C PRO B 17 -2.80 -5.42 18.33
N ILE B 18 -3.51 -6.46 17.93
CA ILE B 18 -4.92 -6.60 18.30
C ILE B 18 -5.03 -7.95 19.02
N PRO B 19 -4.84 -7.94 20.35
CA PRO B 19 -4.85 -9.23 21.06
C PRO B 19 -6.24 -9.84 21.09
N CYS B 20 -6.30 -11.12 21.44
CA CYS B 20 -7.57 -11.80 21.65
C CYS B 20 -7.60 -12.43 23.04
N VAL B 21 -8.63 -12.10 23.82
CA VAL B 21 -8.80 -12.66 25.15
C VAL B 21 -10.12 -13.42 25.27
N ASN B 22 -10.20 -14.33 26.25
CA ASN B 22 -11.42 -15.07 26.51
C ASN B 22 -11.58 -15.31 28.00
N ALA B 23 -12.54 -14.62 28.61
CA ALA B 23 -12.83 -14.80 30.03
C ALA B 23 -14.20 -15.44 30.21
N VAL B 24 -14.71 -16.07 29.16
CA VAL B 24 -16.07 -16.60 29.20
C VAL B 24 -16.12 -18.11 29.06
N ASP B 25 -15.40 -18.66 28.10
CA ASP B 25 -15.42 -20.11 27.90
C ASP B 25 -14.08 -20.63 27.37
N SER B 26 -14.10 -21.81 26.77
CA SER B 26 -12.87 -22.48 26.38
C SER B 26 -12.56 -22.34 24.89
N GLU B 27 -13.28 -21.47 24.20
CA GLU B 27 -13.04 -21.26 22.78
C GLU B 27 -11.64 -20.70 22.50
N PRO B 28 -10.90 -21.38 21.62
CA PRO B 28 -9.60 -20.87 21.16
C PRO B 28 -9.78 -19.62 20.30
N CYS B 29 -8.68 -18.96 19.96
CA CYS B 29 -8.72 -17.80 19.06
C CYS B 29 -9.28 -18.24 17.71
N PRO B 30 -10.24 -17.47 17.15
CA PRO B 30 -10.84 -17.82 15.85
C PRO B 30 -9.80 -18.05 14.78
N SER B 31 -9.96 -19.10 13.98
CA SER B 31 -8.94 -19.45 12.99
C SER B 31 -9.53 -19.89 11.66
N ASN B 32 -10.84 -19.80 11.50
CA ASN B 32 -11.47 -20.31 10.28
C ASN B 32 -11.61 -19.23 9.20
N TYR B 33 -10.68 -18.29 9.19
CA TYR B 33 -10.68 -17.21 8.20
C TYR B 33 -9.21 -16.78 8.07
N LYS B 34 -8.90 -15.99 7.05
CA LYS B 34 -7.55 -15.41 6.97
C LYS B 34 -7.58 -13.91 7.26
N TYR B 35 -6.84 -13.46 8.26
CA TYR B 35 -6.74 -12.01 8.52
C TYR B 35 -6.00 -11.31 7.39
N VAL B 36 -6.65 -10.32 6.77
CA VAL B 36 -5.99 -9.39 5.86
C VAL B 36 -6.27 -7.95 6.29
N SER B 37 -5.28 -7.07 6.17
CA SER B 37 -5.43 -5.68 6.64
C SER B 37 -5.99 -4.75 5.56
N GLN B 38 -5.97 -5.21 4.31
CA GLN B 38 -6.52 -4.46 3.19
C GLN B 38 -7.45 -5.36 2.36
N ASN B 39 -8.35 -4.75 1.59
CA ASN B 39 -9.31 -5.54 0.82
C ASN B 39 -8.60 -6.43 -0.20
N CYS B 40 -9.20 -7.58 -0.50
CA CYS B 40 -8.65 -8.44 -1.54
C CYS B 40 -9.75 -8.84 -2.51
N VAL B 41 -9.37 -9.56 -3.55
CA VAL B 41 -10.34 -10.12 -4.47
C VAL B 41 -9.96 -11.56 -4.76
N THR B 42 -10.95 -12.34 -5.17
CA THR B 42 -10.65 -13.60 -5.81
C THR B 42 -10.92 -13.35 -7.29
N SER B 43 -12.16 -13.52 -7.76
CA SER B 43 -12.52 -13.13 -9.12
C SER B 43 -12.15 -11.68 -9.37
N PRO B 44 -11.70 -11.35 -10.59
CA PRO B 44 -11.25 -9.98 -10.86
C PRO B 44 -12.39 -8.96 -10.71
N MET B 45 -12.09 -7.86 -10.01
CA MET B 45 -12.96 -6.71 -10.03
C MET B 45 -12.24 -5.65 -10.88
N ASN B 46 -12.85 -5.30 -12.01
CA ASN B 46 -12.23 -4.34 -12.91
C ASN B 46 -12.28 -2.91 -12.35
N ILE B 47 -11.70 -2.71 -11.17
CA ILE B 47 -11.64 -1.40 -10.55
C ILE B 47 -10.89 -0.45 -11.47
N ASP B 48 -11.46 0.73 -11.70
CA ASP B 48 -10.78 1.71 -12.55
C ASP B 48 -9.59 2.31 -11.80
N ARG B 49 -8.38 1.94 -12.20
CA ARG B 49 -7.19 2.50 -11.59
C ARG B 49 -6.37 3.37 -12.56
N ASN B 50 -7.00 3.86 -13.63
CA ASN B 50 -6.33 4.79 -14.56
C ASN B 50 -6.02 6.06 -13.77
N ILE B 51 -4.73 6.36 -13.60
CA ILE B 51 -4.35 7.50 -12.77
C ILE B 51 -4.85 8.84 -13.34
N THR B 52 -5.05 8.90 -14.66
CA THR B 52 -5.53 10.14 -15.27
C THR B 52 -7.02 10.31 -15.04
N HIS B 53 -7.68 9.30 -14.47
CA HIS B 53 -9.11 9.44 -14.16
C HIS B 53 -9.33 10.02 -12.78
N LEU B 54 -8.27 10.10 -11.98
CA LEU B 54 -8.41 10.68 -10.65
C LEU B 54 -8.69 12.16 -10.74
N GLN B 55 -9.64 12.64 -9.94
CA GLN B 55 -9.76 14.06 -9.68
C GLN B 55 -8.80 14.37 -8.50
N TYR B 56 -8.18 15.53 -8.53
CA TYR B 56 -7.13 15.84 -7.55
C TYR B 56 -7.09 17.33 -7.30
N CYS B 57 -6.37 17.74 -6.26
CA CYS B 57 -6.23 19.16 -5.92
C CYS B 57 -4.84 19.71 -6.27
N VAL B 58 -4.76 21.03 -6.36
CA VAL B 58 -3.52 21.72 -6.72
C VAL B 58 -3.05 22.61 -5.58
N CYS B 59 -3.48 22.26 -4.36
CA CYS B 59 -3.18 23.05 -3.16
C CYS B 59 -1.69 23.18 -2.91
N ILE B 60 -1.28 24.38 -2.47
CA ILE B 60 0.11 24.66 -2.12
C ILE B 60 0.29 24.72 -0.59
N ASP B 61 -0.82 24.54 0.13
CA ASP B 61 -0.81 24.57 1.59
C ASP B 61 -1.04 23.15 2.11
N ASP B 62 -1.67 23.05 3.29
CA ASP B 62 -1.99 21.73 3.88
C ASP B 62 -3.44 21.29 3.63
N CYS B 63 -4.04 21.80 2.55
CA CYS B 63 -5.40 21.44 2.14
C CYS B 63 -6.42 21.78 3.23
N SER B 64 -6.18 22.89 3.92
CA SER B 64 -7.15 23.36 4.92
C SER B 64 -8.04 24.49 4.36
N SER B 65 -7.85 24.88 3.10
CA SER B 65 -8.66 25.94 2.51
C SER B 65 -9.84 25.39 1.69
N SER B 66 -10.84 26.23 1.44
CA SER B 66 -12.04 25.77 0.72
C SER B 66 -11.78 25.69 -0.79
N ASN B 67 -10.59 26.07 -1.22
CA ASN B 67 -10.22 25.92 -2.62
C ASN B 67 -9.74 24.50 -2.97
N CYS B 68 -9.54 23.66 -1.96
CA CYS B 68 -9.10 22.27 -2.19
C CYS B 68 -10.17 21.44 -2.91
N MET B 69 -9.86 20.96 -4.12
CA MET B 69 -10.81 20.20 -4.92
C MET B 69 -11.33 18.96 -4.20
N CYS B 70 -10.45 18.32 -3.46
CA CYS B 70 -10.78 17.08 -2.77
C CYS B 70 -11.76 17.39 -1.65
N GLY B 71 -11.55 18.50 -0.96
CA GLY B 71 -12.54 19.04 -0.04
C GLY B 71 -13.87 19.35 -0.74
N GLN B 72 -13.82 19.93 -1.94
CA GLN B 72 -15.07 20.25 -2.63
C GLN B 72 -15.83 18.98 -3.06
N LEU B 73 -15.09 17.95 -3.49
CA LEU B 73 -15.70 16.65 -3.81
C LEU B 73 -16.40 16.06 -2.60
N SER B 74 -15.84 16.32 -1.41
CA SER B 74 -16.38 15.83 -0.14
C SER B 74 -17.48 16.74 0.41
N MET B 75 -17.82 17.77 -0.38
CA MET B 75 -18.62 18.94 -0.03
C MET B 75 -17.80 19.95 0.78
N ARG B 76 -17.09 19.46 1.80
CA ARG B 76 -16.01 20.21 2.45
C ARG B 76 -15.07 19.19 3.09
N CYS B 77 -13.85 19.59 3.44
CA CYS B 77 -13.01 18.69 4.22
C CYS B 77 -13.62 18.61 5.63
N TRP B 78 -13.91 17.40 6.08
CA TRP B 78 -14.59 17.18 7.36
C TRP B 78 -13.64 16.93 8.52
N TYR B 79 -12.34 16.96 8.24
CA TYR B 79 -11.32 16.64 9.22
C TYR B 79 -10.75 17.86 9.94
N ASP B 80 -10.64 17.81 11.27
CA ASP B 80 -9.87 18.85 11.95
C ASP B 80 -8.39 18.45 11.89
N LYS B 81 -7.52 19.19 12.58
CA LYS B 81 -6.09 18.90 12.54
C LYS B 81 -5.69 17.56 13.15
N ASP B 82 -6.53 17.05 14.04
CA ASP B 82 -6.28 15.76 14.70
C ASP B 82 -6.84 14.57 13.93
N GLY B 83 -7.38 14.81 12.74
CA GLY B 83 -7.92 13.74 11.92
C GLY B 83 -9.33 13.33 12.33
N ARG B 84 -9.96 14.15 13.17
CA ARG B 84 -11.31 13.84 13.64
C ARG B 84 -12.38 14.63 12.88
N LEU B 85 -13.56 14.02 12.72
CA LEU B 85 -14.65 14.65 12.01
C LEU B 85 -15.16 15.86 12.77
N LEU B 86 -15.44 16.94 12.05
CA LEU B 86 -16.00 18.15 12.65
C LEU B 86 -17.38 17.86 13.24
N PRO B 87 -17.77 18.64 14.26
CA PRO B 87 -19.11 18.52 14.88
C PRO B 87 -20.26 18.56 13.89
N GLU B 88 -20.11 19.32 12.79
CA GLU B 88 -21.21 19.48 11.83
C GLU B 88 -21.37 18.28 10.88
N PHE B 89 -20.47 17.30 10.96
CA PHE B 89 -20.56 16.11 10.12
C PHE B 89 -21.88 15.39 10.41
N ASN B 90 -22.59 15.03 9.34
CA ASN B 90 -23.90 14.42 9.51
C ASN B 90 -23.78 12.90 9.76
N MET B 91 -23.81 12.51 11.03
CA MET B 91 -23.65 11.09 11.39
C MET B 91 -24.84 10.27 10.93
N ALA B 92 -26.01 10.88 10.87
CA ALA B 92 -27.22 10.15 10.48
C ALA B 92 -27.27 9.91 8.97
N GLU B 93 -26.58 10.75 8.20
CA GLU B 93 -26.58 10.59 6.75
C GLU B 93 -25.27 11.12 6.18
N PRO B 94 -24.20 10.32 6.30
CA PRO B 94 -22.84 10.72 5.99
C PRO B 94 -22.65 11.01 4.50
N PRO B 95 -21.85 12.04 4.18
CA PRO B 95 -21.44 12.29 2.81
C PRO B 95 -20.36 11.30 2.39
N LEU B 96 -20.04 11.27 1.10
CA LEU B 96 -18.85 10.56 0.64
C LEU B 96 -17.65 11.39 1.05
N ILE B 97 -16.56 10.73 1.42
CA ILE B 97 -15.33 11.45 1.69
C ILE B 97 -14.30 11.14 0.62
N PHE B 98 -13.78 12.19 -0.02
CA PHE B 98 -12.68 12.04 -0.96
C PHE B 98 -11.43 12.55 -0.27
N GLU B 99 -10.53 11.64 0.10
CA GLU B 99 -9.25 12.01 0.67
C GLU B 99 -8.30 12.38 -0.45
N CYS B 100 -7.26 13.13 -0.12
CA CYS B 100 -6.27 13.46 -1.13
C CYS B 100 -5.57 12.18 -1.55
N ASN B 101 -4.96 12.21 -2.73
CA ASN B 101 -4.36 11.02 -3.30
C ASN B 101 -3.01 11.34 -3.95
N HIS B 102 -2.45 10.37 -4.67
CA HIS B 102 -1.11 10.50 -5.23
C HIS B 102 -1.08 11.36 -6.50
N ALA B 103 -2.24 11.80 -6.99
CA ALA B 103 -2.28 12.74 -8.12
C ALA B 103 -2.32 14.20 -7.65
N CYS B 104 -2.64 14.42 -6.37
CA CYS B 104 -2.72 15.76 -5.81
C CYS B 104 -1.34 16.41 -5.70
N SER B 105 -1.30 17.75 -5.71
CA SER B 105 -0.04 18.49 -5.62
C SER B 105 0.47 18.59 -4.18
N CYS B 106 -0.39 18.26 -3.23
CA CYS B 106 -0.11 18.46 -1.82
C CYS B 106 0.81 17.38 -1.22
N TRP B 107 1.22 17.61 0.01
CA TRP B 107 2.13 16.69 0.69
C TRP B 107 1.39 15.55 1.38
N ARG B 108 2.12 14.49 1.70
CA ARG B 108 1.55 13.27 2.25
C ARG B 108 1.02 13.50 3.68
N ASN B 109 1.41 14.62 4.29
CA ASN B 109 0.90 14.96 5.63
C ASN B 109 -0.21 16.03 5.62
N CYS B 110 -0.88 16.23 4.48
CA CYS B 110 -1.89 17.29 4.44
C CYS B 110 -3.09 16.94 5.33
N ARG B 111 -3.97 17.90 5.56
CA ARG B 111 -5.10 17.74 6.45
C ARG B 111 -6.08 16.64 6.00
N ASN B 112 -6.18 16.46 4.68
CA ASN B 112 -7.24 15.63 4.11
C ASN B 112 -6.79 14.20 3.88
N ARG B 113 -6.15 13.62 4.89
CA ARG B 113 -5.64 12.26 4.84
C ARG B 113 -5.76 11.68 6.23
N VAL B 114 -6.67 10.72 6.41
CA VAL B 114 -6.90 10.11 7.72
C VAL B 114 -7.07 8.60 7.58
N VAL B 115 -8.06 8.19 6.79
CA VAL B 115 -8.33 6.77 6.65
C VAL B 115 -7.17 6.08 5.96
N GLN B 116 -6.53 6.79 5.03
CA GLN B 116 -5.39 6.21 4.29
C GLN B 116 -4.18 5.96 5.18
N ASN B 117 -4.19 6.51 6.40
CA ASN B 117 -3.10 6.25 7.34
C ASN B 117 -3.35 5.01 8.21
N GLY B 118 -4.54 4.44 8.12
CA GLY B 118 -4.80 3.14 8.72
C GLY B 118 -5.21 3.16 10.19
N LEU B 119 -5.55 1.99 10.70
CA LEU B 119 -5.99 1.81 12.08
C LEU B 119 -4.94 2.29 13.09
N ARG B 120 -5.37 3.06 14.10
CA ARG B 120 -4.47 3.53 15.17
C ARG B 120 -4.92 3.14 16.59
N ALA B 121 -6.22 2.98 16.77
CA ALA B 121 -6.80 2.75 18.10
C ALA B 121 -6.39 1.38 18.66
N ARG B 122 -6.23 1.32 19.97
CA ARG B 122 -5.94 0.05 20.64
C ARG B 122 -7.24 -0.74 20.81
N LEU B 123 -7.37 -1.80 20.02
CA LEU B 123 -8.58 -2.63 20.04
C LEU B 123 -8.24 -4.01 20.58
N GLN B 124 -9.27 -4.78 20.90
CA GLN B 124 -9.11 -6.13 21.44
C GLN B 124 -10.27 -7.02 21.03
N LEU B 125 -9.93 -8.18 20.50
CA LEU B 125 -10.92 -9.19 20.22
C LEU B 125 -11.22 -9.90 21.55
N TYR B 126 -12.50 -10.06 21.89
CA TYR B 126 -12.83 -10.69 23.16
C TYR B 126 -14.13 -11.50 23.10
N ARG B 127 -14.27 -12.43 24.04
CA ARG B 127 -15.41 -13.32 24.06
C ARG B 127 -16.51 -12.67 24.88
N THR B 128 -17.65 -12.40 24.23
CA THR B 128 -18.82 -11.87 24.91
C THR B 128 -19.56 -13.02 25.60
N ARG B 129 -20.48 -12.67 26.49
CA ARG B 129 -21.35 -13.66 27.13
C ARG B 129 -22.44 -14.19 26.19
N ASP B 130 -22.97 -13.29 25.37
CA ASP B 130 -24.26 -13.48 24.71
C ASP B 130 -24.20 -13.56 23.18
N MET B 131 -23.18 -12.95 22.57
CA MET B 131 -23.13 -12.90 21.12
C MET B 131 -21.75 -13.21 20.53
N GLY B 132 -21.16 -14.32 20.97
CA GLY B 132 -19.91 -14.80 20.39
C GLY B 132 -18.73 -13.87 20.64
N TRP B 133 -17.86 -13.73 19.64
CA TRP B 133 -16.75 -12.80 19.74
C TRP B 133 -17.23 -11.38 19.47
N GLY B 134 -16.59 -10.41 20.12
CA GLY B 134 -16.85 -9.01 19.86
C GLY B 134 -15.54 -8.23 19.90
N VAL B 135 -15.61 -6.93 19.58
CA VAL B 135 -14.42 -6.09 19.60
C VAL B 135 -14.64 -4.93 20.58
N ARG B 136 -13.64 -4.68 21.42
CA ARG B 136 -13.73 -3.55 22.36
C ARG B 136 -12.54 -2.64 22.17
N SER B 137 -12.71 -1.40 22.62
CA SER B 137 -11.63 -0.44 22.65
C SER B 137 -10.96 -0.48 24.00
N LEU B 138 -9.63 -0.53 24.00
CA LEU B 138 -8.87 -0.56 25.24
C LEU B 138 -8.60 0.84 25.79
N GLN B 139 -8.88 1.87 25.00
CA GLN B 139 -8.66 3.25 25.47
C GLN B 139 -9.83 4.17 25.11
N ASP B 140 -9.89 5.36 25.71
CA ASP B 140 -10.92 6.33 25.31
C ASP B 140 -10.75 6.68 23.83
N ILE B 141 -11.86 6.76 23.12
CA ILE B 141 -11.84 7.23 21.73
C ILE B 141 -12.79 8.42 21.61
N PRO B 142 -12.23 9.62 21.37
CA PRO B 142 -13.07 10.84 21.24
C PRO B 142 -14.06 10.71 20.08
N PRO B 143 -15.14 11.52 20.09
CA PRO B 143 -16.10 11.57 18.96
C PRO B 143 -15.42 11.88 17.62
N GLY B 144 -15.92 11.30 16.54
CA GLY B 144 -15.44 11.63 15.19
C GLY B 144 -14.10 11.03 14.82
N THR B 145 -13.64 10.04 15.57
CA THR B 145 -12.34 9.42 15.33
C THR B 145 -12.46 8.23 14.38
N PHE B 146 -11.56 8.11 13.41
CA PHE B 146 -11.48 6.89 12.60
C PHE B 146 -11.06 5.71 13.50
N VAL B 147 -11.85 4.64 13.49
CA VAL B 147 -11.56 3.48 14.33
C VAL B 147 -11.01 2.31 13.52
N CYS B 148 -11.75 1.86 12.52
CA CYS B 148 -11.26 0.80 11.63
C CYS B 148 -12.03 0.75 10.32
N GLU B 149 -11.46 0.05 9.35
CA GLU B 149 -12.10 -0.10 8.04
C GLU B 149 -12.76 -1.48 7.97
N TYR B 150 -13.92 -1.55 7.32
CA TYR B 150 -14.55 -2.86 7.09
C TYR B 150 -13.82 -3.50 5.92
N VAL B 151 -12.97 -4.48 6.21
CA VAL B 151 -12.09 -5.05 5.18
C VAL B 151 -12.46 -6.50 4.88
N GLY B 152 -12.48 -6.86 3.59
CA GLY B 152 -12.67 -8.24 3.22
C GLY B 152 -12.49 -8.47 1.73
N GLU B 153 -13.20 -9.47 1.25
CA GLU B 153 -13.17 -9.87 -0.15
C GLU B 153 -14.23 -9.10 -0.94
N LEU B 154 -13.80 -8.31 -1.93
CA LEU B 154 -14.74 -7.60 -2.81
C LEU B 154 -15.40 -8.57 -3.78
N ILE B 155 -16.72 -8.61 -3.79
CA ILE B 155 -17.43 -9.54 -4.68
C ILE B 155 -18.64 -8.86 -5.30
N SER B 156 -19.15 -9.44 -6.37
CA SER B 156 -20.35 -8.91 -7.03
C SER B 156 -21.59 -9.36 -6.28
N ASP B 157 -22.71 -8.69 -6.54
CA ASP B 157 -23.98 -9.10 -5.96
C ASP B 157 -24.34 -10.51 -6.38
N SER B 158 -24.06 -10.85 -7.64
CA SER B 158 -24.43 -12.16 -8.14
C SER B 158 -23.59 -13.25 -7.46
N GLU B 159 -22.35 -12.92 -7.10
CA GLU B 159 -21.52 -13.84 -6.32
C GLU B 159 -22.03 -13.96 -4.87
N ALA B 160 -22.44 -12.84 -4.30
CA ALA B 160 -23.02 -12.85 -2.96
C ALA B 160 -24.26 -13.73 -2.91
N ASP B 161 -24.99 -13.77 -4.03
CA ASP B 161 -26.25 -14.50 -4.11
C ASP B 161 -26.07 -16.01 -4.04
N VAL B 162 -24.86 -16.49 -4.29
CA VAL B 162 -24.63 -17.93 -4.28
C VAL B 162 -23.69 -18.33 -3.15
N ARG B 163 -23.52 -17.44 -2.18
CA ARG B 163 -22.74 -17.78 -1.00
C ARG B 163 -23.64 -18.13 0.19
N GLU B 164 -23.43 -19.33 0.72
CA GLU B 164 -24.16 -19.83 1.88
C GLU B 164 -24.09 -18.89 3.07
N GLU B 165 -22.87 -18.58 3.49
CA GLU B 165 -22.65 -17.79 4.70
C GLU B 165 -22.69 -16.30 4.40
N ASP B 166 -23.76 -15.63 4.82
CA ASP B 166 -23.94 -14.22 4.52
C ASP B 166 -23.89 -13.35 5.77
N SER B 167 -23.37 -13.91 6.88
CA SER B 167 -23.34 -13.20 8.15
C SER B 167 -22.18 -12.21 8.26
N TYR B 168 -21.27 -12.22 7.29
CA TYR B 168 -20.12 -11.31 7.29
C TYR B 168 -20.10 -10.49 6.00
N LEU B 169 -21.25 -9.96 5.64
CA LEU B 169 -21.43 -9.27 4.37
C LEU B 169 -21.70 -7.78 4.59
N PHE B 170 -21.03 -6.91 3.83
CA PHE B 170 -21.34 -5.46 3.88
C PHE B 170 -21.71 -5.00 2.47
N ASP B 171 -22.93 -4.49 2.30
CA ASP B 171 -23.41 -4.07 0.98
C ASP B 171 -22.76 -2.75 0.60
N LEU B 172 -22.21 -2.70 -0.60
CA LEU B 172 -21.87 -1.42 -1.21
C LEU B 172 -22.97 -1.06 -2.22
N ASP B 173 -23.99 -0.33 -1.79
CA ASP B 173 -25.08 0.08 -2.68
C ASP B 173 -24.65 0.98 -3.85
N GLU B 178 -26.07 -2.47 -10.92
CA GLU B 178 -25.35 -3.57 -10.32
C GLU B 178 -24.56 -3.12 -9.10
N VAL B 179 -24.62 -3.89 -8.02
CA VAL B 179 -23.99 -3.54 -6.77
C VAL B 179 -22.93 -4.57 -6.34
N TYR B 180 -22.12 -4.20 -5.35
CA TYR B 180 -21.02 -5.04 -4.89
C TYR B 180 -21.09 -5.19 -3.38
N CYS B 181 -20.34 -6.16 -2.86
CA CYS B 181 -20.32 -6.44 -1.44
C CYS B 181 -18.89 -6.65 -0.95
N ILE B 182 -18.66 -6.35 0.33
CA ILE B 182 -17.46 -6.84 0.98
C ILE B 182 -17.85 -8.07 1.79
N ASP B 183 -17.29 -9.22 1.46
CA ASP B 183 -17.52 -10.45 2.23
C ASP B 183 -16.30 -10.71 3.11
N ALA B 184 -16.48 -10.63 4.42
CA ALA B 184 -15.36 -10.84 5.33
C ALA B 184 -15.38 -12.23 5.95
N ARG B 185 -16.15 -13.14 5.37
CA ARG B 185 -16.22 -14.51 5.89
C ARG B 185 -14.88 -15.25 5.77
N PHE B 186 -14.28 -15.21 4.59
CA PHE B 186 -13.05 -15.98 4.35
C PHE B 186 -11.76 -15.17 4.54
N TYR B 187 -11.82 -13.89 4.18
CA TYR B 187 -10.73 -12.93 4.32
C TYR B 187 -11.31 -11.69 4.97
N GLY B 188 -10.74 -11.23 6.08
CA GLY B 188 -11.24 -10.01 6.69
C GLY B 188 -10.31 -9.49 7.77
N ASN B 189 -10.58 -8.28 8.27
CA ASN B 189 -9.77 -7.73 9.36
C ASN B 189 -10.61 -7.76 10.61
N VAL B 190 -10.22 -6.98 11.61
CA VAL B 190 -10.87 -7.00 12.91
C VAL B 190 -12.37 -6.65 12.82
N SER B 191 -12.75 -5.91 11.77
CA SER B 191 -14.13 -5.41 11.68
C SER B 191 -15.15 -6.53 11.55
N ARG B 192 -14.72 -7.66 11.01
CA ARG B 192 -15.60 -8.82 10.86
C ARG B 192 -16.16 -9.32 12.20
N PHE B 193 -15.54 -8.92 13.30
CA PHE B 193 -15.96 -9.39 14.61
C PHE B 193 -16.82 -8.38 15.39
N ILE B 194 -17.11 -7.24 14.75
CA ILE B 194 -17.89 -6.20 15.40
C ILE B 194 -19.36 -6.57 15.37
N ASN B 195 -20.00 -6.53 16.54
CA ASN B 195 -21.42 -6.86 16.64
C ASN B 195 -22.38 -5.71 16.35
N HIS B 196 -23.62 -6.04 16.05
CA HIS B 196 -24.65 -5.04 15.80
C HIS B 196 -25.15 -4.36 17.07
N HIS B 197 -25.39 -3.05 16.99
CA HIS B 197 -26.03 -2.29 18.06
C HIS B 197 -26.99 -1.31 17.42
N CYS B 198 -28.20 -1.19 17.99
CA CYS B 198 -29.24 -0.32 17.44
C CYS B 198 -29.01 1.16 17.76
N GLU B 199 -28.22 1.42 18.79
CA GLU B 199 -27.75 2.79 19.09
C GLU B 199 -26.22 2.83 19.05
N PRO B 200 -25.63 2.64 17.86
CA PRO B 200 -24.22 2.26 17.67
C PRO B 200 -23.22 3.37 17.97
N ASN B 201 -22.05 2.99 18.47
CA ASN B 201 -21.02 3.98 18.72
C ASN B 201 -20.07 4.13 17.53
N LEU B 202 -20.34 3.36 16.46
CA LEU B 202 -19.65 3.52 15.18
C LEU B 202 -20.62 3.78 14.01
N VAL B 203 -20.19 4.60 13.06
CA VAL B 203 -20.96 4.78 11.82
C VAL B 203 -20.06 4.49 10.61
N PRO B 204 -20.57 3.71 9.64
CA PRO B 204 -19.80 3.48 8.42
C PRO B 204 -19.86 4.69 7.47
N VAL B 205 -18.71 5.08 6.94
CA VAL B 205 -18.64 6.22 6.01
C VAL B 205 -17.94 5.73 4.76
N ARG B 206 -18.47 6.08 3.59
CA ARG B 206 -17.86 5.73 2.32
C ARG B 206 -16.70 6.67 1.99
N VAL B 207 -15.54 6.10 1.75
CA VAL B 207 -14.33 6.89 1.54
C VAL B 207 -13.60 6.48 0.26
N PHE B 208 -13.02 7.46 -0.42
CA PHE B 208 -12.22 7.21 -1.61
C PHE B 208 -10.82 7.77 -1.41
N MET B 209 -9.84 6.96 -1.78
CA MET B 209 -8.45 7.29 -1.57
C MET B 209 -7.66 7.11 -2.86
N ALA B 210 -7.04 5.94 -3.05
CA ALA B 210 -6.14 5.73 -4.18
C ALA B 210 -6.87 5.65 -5.52
N HIS B 211 -8.17 5.32 -5.50
CA HIS B 211 -8.99 5.28 -6.72
C HIS B 211 -10.32 5.99 -6.46
N GLN B 212 -10.99 6.40 -7.52
CA GLN B 212 -12.30 7.05 -7.35
C GLN B 212 -13.37 6.35 -8.18
N ASP B 213 -13.29 5.03 -8.20
CA ASP B 213 -14.30 4.18 -8.83
C ASP B 213 -15.47 4.10 -7.86
N LEU B 214 -16.55 4.82 -8.17
CA LEU B 214 -17.65 5.02 -7.23
C LEU B 214 -18.43 3.73 -6.91
N ARG B 215 -18.17 2.67 -7.67
CA ARG B 215 -18.75 1.34 -7.39
C ARG B 215 -18.12 0.73 -6.16
N PHE B 216 -16.91 1.17 -5.84
CA PHE B 216 -16.14 0.54 -4.76
C PHE B 216 -15.67 1.51 -3.70
N PRO B 217 -16.62 2.10 -2.94
CA PRO B 217 -16.17 2.85 -1.78
C PRO B 217 -15.50 1.92 -0.79
N ARG B 218 -14.61 2.47 0.02
CA ARG B 218 -14.04 1.76 1.13
C ARG B 218 -14.81 2.21 2.36
N ILE B 219 -15.01 1.29 3.30
CA ILE B 219 -15.93 1.53 4.40
C ILE B 219 -15.17 1.83 5.68
N ALA B 220 -15.22 3.07 6.14
CA ALA B 220 -14.49 3.48 7.33
C ALA B 220 -15.45 3.70 8.49
N PHE B 221 -15.18 3.04 9.62
CA PHE B 221 -15.98 3.28 10.81
C PHE B 221 -15.41 4.44 11.63
N PHE B 222 -16.26 5.42 11.92
CA PHE B 222 -15.91 6.53 12.80
C PHE B 222 -16.77 6.49 14.07
N SER B 223 -16.20 6.92 15.19
CA SER B 223 -16.95 6.99 16.44
C SER B 223 -18.01 8.08 16.35
N THR B 224 -19.20 7.77 16.87
CA THR B 224 -20.34 8.69 16.87
C THR B 224 -20.42 9.47 18.16
N ARG B 225 -19.55 9.11 19.09
CA ARG B 225 -19.56 9.69 20.42
C ARG B 225 -18.26 9.29 21.12
N LEU B 226 -18.05 9.81 22.32
CA LEU B 226 -16.94 9.34 23.12
C LEU B 226 -17.14 7.87 23.45
N ILE B 227 -16.19 7.04 23.05
CA ILE B 227 -16.21 5.63 23.42
C ILE B 227 -15.22 5.42 24.56
N GLU B 228 -15.72 4.98 25.70
CA GLU B 228 -14.89 4.87 26.90
C GLU B 228 -14.07 3.60 26.87
N ALA B 229 -12.95 3.62 27.58
CA ALA B 229 -12.07 2.45 27.64
C ALA B 229 -12.86 1.24 28.12
N GLY B 230 -12.80 0.17 27.35
CA GLY B 230 -13.42 -1.10 27.75
C GLY B 230 -14.73 -1.35 27.05
N GLU B 231 -15.25 -0.35 26.35
CA GLU B 231 -16.55 -0.45 25.69
C GLU B 231 -16.51 -1.33 24.44
N GLN B 232 -17.58 -2.10 24.24
CA GLN B 232 -17.69 -2.88 23.02
C GLN B 232 -18.01 -1.96 21.85
N LEU B 233 -17.40 -2.22 20.70
CA LEU B 233 -17.76 -1.51 19.47
C LEU B 233 -19.02 -2.09 18.87
N GLY B 234 -19.84 -1.23 18.26
CA GLY B 234 -20.99 -1.72 17.52
C GLY B 234 -21.31 -0.80 16.37
N PHE B 235 -21.78 -1.37 15.26
CA PHE B 235 -22.42 -0.53 14.24
C PHE B 235 -23.77 -1.12 13.86
N ASP B 236 -24.60 -0.32 13.19
CA ASP B 236 -25.93 -0.76 12.74
C ASP B 236 -25.78 -1.58 11.45
N TYR B 237 -26.02 -2.90 11.54
CA TYR B 237 -25.90 -3.79 10.39
C TYR B 237 -26.89 -3.42 9.27
N GLY B 238 -27.97 -2.73 9.62
CA GLY B 238 -28.96 -2.31 8.64
C GLY B 238 -30.14 -3.25 8.44
N GLU B 239 -31.08 -2.80 7.60
CA GLU B 239 -32.34 -3.51 7.44
C GLU B 239 -32.26 -4.81 6.62
N ARG B 240 -31.35 -4.89 5.67
CA ARG B 240 -31.27 -6.11 4.87
C ARG B 240 -30.78 -7.29 5.72
N PHE B 241 -29.80 -7.03 6.58
CA PHE B 241 -29.29 -8.06 7.48
C PHE B 241 -30.43 -8.62 8.32
N TRP B 242 -31.14 -7.73 9.00
CA TRP B 242 -32.17 -8.12 9.95
C TRP B 242 -33.45 -8.64 9.27
N ASP B 243 -33.71 -8.19 8.05
CA ASP B 243 -34.81 -8.76 7.27
C ASP B 243 -34.60 -10.27 7.10
N ILE B 244 -33.35 -10.66 6.98
CA ILE B 244 -32.98 -12.05 6.77
C ILE B 244 -32.78 -12.79 8.09
N LYS B 245 -31.94 -12.23 8.96
CA LYS B 245 -31.54 -12.93 10.17
C LYS B 245 -32.58 -12.84 11.28
N GLY B 246 -33.50 -11.89 11.16
CA GLY B 246 -34.57 -11.74 12.15
C GLY B 246 -35.51 -12.92 12.21
N LYS B 247 -35.45 -13.80 11.21
CA LYS B 247 -36.24 -15.01 11.19
C LYS B 247 -35.59 -16.08 12.04
N LEU B 248 -34.29 -15.92 12.28
CA LEU B 248 -33.50 -16.93 12.99
C LEU B 248 -33.26 -16.54 14.45
N PHE B 249 -33.00 -15.28 14.71
CA PHE B 249 -32.76 -14.82 16.07
C PHE B 249 -33.11 -13.35 16.25
N SER B 250 -33.21 -12.92 17.50
CA SER B 250 -33.52 -11.53 17.82
C SER B 250 -32.29 -10.76 18.27
N CYS B 251 -32.32 -9.44 18.14
CA CYS B 251 -31.18 -8.61 18.54
C CYS B 251 -30.97 -8.65 20.04
N ARG B 252 -29.73 -8.87 20.47
CA ARG B 252 -29.44 -8.84 21.89
C ARG B 252 -28.58 -7.63 22.30
N CYS B 253 -28.67 -6.53 21.54
CA CYS B 253 -27.81 -5.37 21.81
C CYS B 253 -28.14 -4.76 23.18
N GLY B 254 -29.35 -5.02 23.67
CA GLY B 254 -29.75 -4.58 24.99
C GLY B 254 -30.10 -3.11 25.11
N SER B 255 -30.20 -2.41 23.99
CA SER B 255 -30.55 -0.99 24.07
C SER B 255 -32.01 -0.79 24.43
N PRO B 256 -32.29 0.23 25.25
CA PRO B 256 -33.68 0.62 25.50
C PRO B 256 -34.40 1.01 24.21
N LYS B 257 -33.64 1.33 23.17
CA LYS B 257 -34.21 1.72 21.87
C LYS B 257 -33.96 0.66 20.80
N CYS B 258 -33.77 -0.59 21.22
CA CYS B 258 -33.51 -1.69 20.30
C CYS B 258 -34.66 -1.83 19.30
N ARG B 259 -34.33 -1.91 18.01
CA ARG B 259 -35.35 -1.94 16.96
C ARG B 259 -35.55 -3.35 16.38
N HIS B 260 -34.83 -4.33 16.92
CA HIS B 260 -34.88 -5.68 16.34
C HIS B 260 -35.01 -6.78 17.39
N SER B 261 -35.63 -6.45 18.53
CA SER B 261 -35.74 -7.39 19.63
C SER B 261 -37.04 -8.18 19.55
#